data_8UWR
#
_entry.id   8UWR
#
_cell.length_a   51.610
_cell.length_b   66.360
_cell.length_c   162.140
_cell.angle_alpha   90.00
_cell.angle_beta   90.00
_cell.angle_gamma   90.00
#
_symmetry.space_group_name_H-M   'I 2 2 2'
#
loop_
_entity.id
_entity.type
_entity.pdbx_description
1 polymer 'Activin receptor type-1'
2 non-polymer 'SULFATE ION'
3 non-polymer cyclopropyl(4-{(8R)-6-[4-(piperazin-1-yl)phenyl]pyrrolo[1,2-b]pyridazin-4-yl}piperazin-1-yl)methanone
4 water water
#
_entity_poly.entity_id   1
_entity_poly.type   'polypeptide(L)'
_entity_poly.pdbx_seq_one_letter_code
;MGHHHHHHSSGVDLGTENLYFQSMQRTVARDITLLECVGKGRYGEVWRGSWQGENVAVKIFSSRDEKSWFRETELYNTVM
LRHENILGFIASDMTSRHSSTQLWLITHYHEMGSLYDYLQLTTLDTVSCLRIVLSIASGLAHLHIEIFGTQGKPAIAHRD
LKSKNILVKKNGQCCIADLGLAVMHSQSTNQLDVGNNPRVGTKRYMAPEVLDETIQVDCFDSYKRVDIWAFGLVLWEVAR
RMVSNGIVEDYKPPFYDVVPNDPSFEDMRKVVCVDQQRPNIPNRWFSDPTLTSLAKLMKECWYQNPSARLTALRIKKTLT
KID
;
_entity_poly.pdbx_strand_id   A
#
loop_
_chem_comp.id
_chem_comp.type
_chem_comp.name
_chem_comp.formula
SO4 non-polymer 'SULFATE ION' 'O4 S -2'
XQX non-polymer cyclopropyl(4-{(8R)-6-[4-(piperazin-1-yl)phenyl]pyrrolo[1,2-b]pyridazin-4-yl}piperazin-1-yl)methanone 'C25 H30 N6 O'
#
# COMPACT_ATOMS: atom_id res chain seq x y z
N THR A 27 2.57 15.07 26.61
CA THR A 27 1.96 14.30 25.50
C THR A 27 2.53 12.88 25.38
N VAL A 28 2.00 12.12 24.43
CA VAL A 28 2.51 10.79 24.10
C VAL A 28 3.99 10.86 23.64
N ALA A 29 4.33 11.85 22.82
CA ALA A 29 5.70 11.99 22.26
C ALA A 29 6.79 12.00 23.32
N ARG A 30 6.55 12.74 24.40
CA ARG A 30 7.52 12.82 25.49
C ARG A 30 7.62 11.57 26.37
N ASP A 31 6.58 10.73 26.33
CA ASP A 31 6.60 9.42 27.03
C ASP A 31 7.14 8.29 26.16
N ILE A 32 7.50 8.59 24.91
CA ILE A 32 8.10 7.60 24.01
C ILE A 32 9.61 7.74 24.11
N THR A 33 10.27 6.60 24.13
CA THR A 33 11.70 6.54 24.10
C THR A 33 12.01 5.96 22.77
N LEU A 34 12.95 6.60 22.06
CA LEU A 34 13.28 6.23 20.71
C LEU A 34 14.49 5.32 20.79
N LEU A 35 14.44 4.17 20.14
CA LEU A 35 15.44 3.10 20.35
C LEU A 35 16.31 2.83 19.13
N GLU A 36 15.71 2.82 17.96
CA GLU A 36 16.39 2.35 16.77
C GLU A 36 15.75 2.88 15.47
N CYS A 37 16.57 3.48 14.61
CA CYS A 37 16.07 3.90 13.31
C CYS A 37 15.95 2.70 12.37
N VAL A 38 14.74 2.40 11.91
CA VAL A 38 14.49 1.22 11.04
C VAL A 38 14.12 1.55 9.59
N GLY A 39 14.28 2.81 9.19
CA GLY A 39 13.86 3.27 7.86
C GLY A 39 14.15 4.74 7.65
N LYS A 40 14.68 5.08 6.47
CA LYS A 40 15.12 6.44 6.14
C LYS A 40 14.80 6.72 4.65
N GLY A 41 13.93 7.68 4.37
CA GLY A 41 13.61 8.01 2.99
C GLY A 41 13.10 9.41 2.80
N ARG A 42 12.69 9.70 1.57
CA ARG A 42 12.17 11.00 1.13
C ARG A 42 10.98 11.47 1.99
N TYR A 43 10.16 10.50 2.40
CA TYR A 43 9.12 10.68 3.43
C TYR A 43 9.62 11.10 4.85
N GLY A 44 10.91 11.03 5.16
CA GLY A 44 11.45 11.26 6.53
C GLY A 44 12.09 10.00 7.15
N GLU A 45 11.70 9.67 8.39
CA GLU A 45 12.24 8.49 9.12
C GLU A 45 11.20 7.64 9.82
N VAL A 46 11.54 6.37 10.03
CA VAL A 46 10.77 5.48 10.89
C VAL A 46 11.70 4.98 12.02
N TRP A 47 11.26 5.11 13.28
CA TRP A 47 11.98 4.61 14.46
C TRP A 47 11.15 3.55 15.16
N ARG A 48 11.85 2.58 15.76
CA ARG A 48 11.23 1.74 16.78
C ARG A 48 11.46 2.52 18.04
N GLY A 49 10.41 2.72 18.81
CA GLY A 49 10.52 3.27 20.13
C GLY A 49 9.64 2.50 21.07
N SER A 50 9.64 2.92 22.33
CA SER A 50 8.83 2.29 23.34
C SER A 50 7.97 3.34 24.00
N TRP A 51 6.79 2.94 24.44
CA TRP A 51 5.78 3.81 25.00
C TRP A 51 4.89 2.93 25.90
N GLN A 52 4.80 3.27 27.17
CA GLN A 52 4.15 2.42 28.16
C GLN A 52 4.64 0.96 28.08
N GLY A 53 5.95 0.79 27.93
CA GLY A 53 6.57 -0.54 27.81
C GLY A 53 6.26 -1.38 26.58
N GLU A 54 5.66 -0.80 25.54
CA GLU A 54 5.26 -1.52 24.32
C GLU A 54 5.98 -0.90 23.17
N ASN A 55 6.38 -1.72 22.18
CA ASN A 55 7.05 -1.16 21.03
C ASN A 55 6.02 -0.39 20.22
N VAL A 56 6.49 0.68 19.59
CA VAL A 56 5.70 1.47 18.66
C VAL A 56 6.61 1.86 17.51
N ALA A 57 6.02 2.11 16.35
CA ALA A 57 6.72 2.79 15.25
C ALA A 57 6.39 4.28 15.35
N VAL A 58 7.41 5.11 15.22
CA VAL A 58 7.30 6.52 15.19
C VAL A 58 7.78 6.93 13.83
N LYS A 59 6.85 7.37 12.96
CA LYS A 59 7.21 7.94 11.68
C LYS A 59 7.36 9.44 11.89
N ILE A 60 8.57 9.91 11.59
CA ILE A 60 8.96 11.31 11.68
C ILE A 60 9.01 11.84 10.25
N PHE A 61 8.12 12.76 9.89
CA PHE A 61 7.92 13.16 8.48
C PHE A 61 8.90 14.26 8.02
N SER A 62 9.37 14.13 6.78
CA SER A 62 10.19 15.15 6.15
C SER A 62 9.35 16.37 5.93
N SER A 63 10.03 17.50 5.72
CA SER A 63 9.33 18.76 5.50
C SER A 63 8.54 18.63 4.20
N ARG A 64 9.13 18.03 3.19
CA ARG A 64 8.42 17.85 1.93
C ARG A 64 7.09 17.10 2.09
N ASP A 65 6.99 16.20 3.06
CA ASP A 65 5.77 15.41 3.23
C ASP A 65 4.86 15.77 4.40
N GLU A 66 4.94 17.02 4.87
CA GLU A 66 4.17 17.35 6.08
C GLU A 66 2.65 17.35 5.91
N LYS A 67 2.17 17.56 4.67
CA LYS A 67 0.72 17.49 4.39
C LYS A 67 0.19 16.10 4.59
N SER A 68 0.99 15.09 4.22
CA SER A 68 0.61 13.71 4.44
C SER A 68 0.36 13.42 5.92
N TRP A 69 1.30 13.84 6.74
CA TRP A 69 1.10 13.71 8.19
C TRP A 69 -0.18 14.39 8.64
N PHE A 70 -0.43 15.60 8.12
CA PHE A 70 -1.66 16.29 8.48
C PHE A 70 -2.91 15.53 8.06
N ARG A 71 -3.00 15.17 6.78
CA ARG A 71 -4.13 14.41 6.24
C ARG A 71 -4.36 13.08 6.95
N GLU A 72 -3.27 12.40 7.25
CA GLU A 72 -3.36 11.11 7.90
C GLU A 72 -3.81 11.26 9.36
N THR A 73 -3.27 12.29 10.03
CA THR A 73 -3.73 12.66 11.38
C THR A 73 -5.21 12.94 11.39
N GLU A 74 -5.64 13.80 10.45
CA GLU A 74 -7.05 14.09 10.19
C GLU A 74 -7.85 12.80 9.97
N LEU A 75 -7.40 11.99 9.03
CA LEU A 75 -8.17 10.79 8.67
C LEU A 75 -8.37 9.91 9.90
N TYR A 76 -7.26 9.56 10.55
CA TYR A 76 -7.29 8.73 11.73
C TYR A 76 -8.09 9.28 12.88
N ASN A 77 -8.21 10.60 12.94
CA ASN A 77 -8.99 11.25 13.96
C ASN A 77 -10.44 11.55 13.59
N THR A 78 -10.87 11.18 12.39
CA THR A 78 -12.24 11.39 11.95
C THR A 78 -12.96 10.09 11.55
N VAL A 79 -12.25 9.17 10.90
CA VAL A 79 -12.83 7.95 10.41
C VAL A 79 -12.33 6.77 11.22
N MET A 80 -13.26 5.92 11.65
CA MET A 80 -12.90 4.65 12.25
C MET A 80 -12.44 3.61 11.20
N LEU A 81 -11.12 3.51 11.08
CA LEU A 81 -10.42 2.66 10.15
C LEU A 81 -10.05 1.28 10.70
N ARG A 82 -9.85 1.19 12.02
CA ARG A 82 -9.29 -0.01 12.70
C ARG A 82 -9.72 -1.34 12.06
N HIS A 83 -8.77 -2.14 11.61
CA HIS A 83 -9.05 -3.42 10.98
C HIS A 83 -7.76 -4.18 11.09
N GLU A 84 -7.82 -5.51 11.06
CA GLU A 84 -6.62 -6.34 11.23
C GLU A 84 -5.55 -6.03 10.19
N ASN A 85 -5.97 -5.62 9.00
CA ASN A 85 -5.05 -5.36 7.92
C ASN A 85 -4.84 -3.88 7.60
N ILE A 86 -5.10 -3.03 8.58
CA ILE A 86 -4.73 -1.61 8.47
C ILE A 86 -3.82 -1.37 9.62
N LEU A 87 -2.70 -0.68 9.37
CA LEU A 87 -1.74 -0.36 10.41
C LEU A 87 -2.46 0.35 11.58
N GLY A 88 -2.22 -0.13 12.79
CA GLY A 88 -2.92 0.35 13.99
C GLY A 88 -2.40 1.68 14.44
N PHE A 89 -3.27 2.68 14.47
CA PHE A 89 -2.88 4.06 14.88
C PHE A 89 -2.91 4.21 16.42
N ILE A 90 -1.88 4.88 16.96
CA ILE A 90 -1.90 5.23 18.37
C ILE A 90 -2.20 6.73 18.57
N ALA A 91 -1.37 7.60 17.99
CA ALA A 91 -1.52 9.04 18.11
C ALA A 91 -0.61 9.81 17.13
N SER A 92 -0.91 11.09 16.97
CA SER A 92 -0.05 11.98 16.22
C SER A 92 0.39 13.06 17.14
N ASP A 93 1.57 13.60 16.96
CA ASP A 93 2.05 14.63 17.83
C ASP A 93 3.14 15.48 17.20
N MET A 94 3.33 16.68 17.74
CA MET A 94 4.44 17.54 17.36
C MET A 94 5.46 17.45 18.45
N THR A 95 6.70 17.78 18.15
CA THR A 95 7.71 17.82 19.18
C THR A 95 8.95 18.61 18.79
N SER A 96 9.42 19.35 19.79
CA SER A 96 10.44 20.34 19.67
C SER A 96 11.76 19.62 19.76
N ARG A 97 12.35 19.33 18.61
CA ARG A 97 13.37 18.28 18.51
C ARG A 97 14.46 18.57 17.47
N HIS A 98 15.71 18.55 17.95
CA HIS A 98 16.91 18.93 17.20
C HIS A 98 16.83 20.46 17.01
N SER A 99 16.86 20.99 15.78
CA SER A 99 16.58 22.41 15.56
C SER A 99 15.42 22.49 14.58
N SER A 100 14.29 21.98 15.07
CA SER A 100 13.07 21.84 14.29
C SER A 100 11.93 21.43 15.20
N THR A 101 10.73 21.52 14.67
CA THR A 101 9.55 20.92 15.26
C THR A 101 9.26 19.68 14.44
N GLN A 102 9.36 18.52 15.06
CA GLN A 102 9.09 17.29 14.34
C GLN A 102 7.63 16.92 14.37
N LEU A 103 7.22 16.30 13.28
CA LEU A 103 5.87 15.82 13.05
C LEU A 103 5.94 14.32 13.10
N TRP A 104 5.25 13.73 14.08
CA TRP A 104 5.40 12.32 14.38
C TRP A 104 4.07 11.67 14.26
N LEU A 105 4.06 10.49 13.61
CA LEU A 105 2.90 9.64 13.63
C LEU A 105 3.27 8.31 14.26
N ILE A 106 2.51 7.94 15.29
CA ILE A 106 2.86 6.87 16.19
C ILE A 106 1.84 5.77 16.02
N THR A 107 2.35 4.57 15.73
CA THR A 107 1.52 3.39 15.48
C THR A 107 2.14 2.18 16.11
N HIS A 108 1.34 1.12 16.15
CA HIS A 108 1.88 -0.23 16.42
C HIS A 108 3.11 -0.52 15.56
N TYR A 109 3.96 -1.41 16.08
CA TYR A 109 5.25 -1.77 15.48
C TYR A 109 5.25 -3.20 14.94
N HIS A 110 5.72 -3.39 13.71
CA HIS A 110 5.84 -4.74 13.10
C HIS A 110 7.29 -4.99 12.78
N GLU A 111 7.90 -5.85 13.59
CA GLU A 111 9.34 -6.03 13.50
C GLU A 111 9.84 -6.57 12.15
N MET A 112 9.01 -7.37 11.47
CA MET A 112 9.37 -7.82 10.10
C MET A 112 9.60 -6.66 9.13
N GLY A 113 8.98 -5.50 9.37
CA GLY A 113 9.16 -4.35 8.50
C GLY A 113 8.15 -4.45 7.38
N SER A 114 8.46 -3.77 6.27
CA SER A 114 7.57 -3.77 5.13
C SER A 114 7.66 -5.08 4.34
N LEU A 115 6.69 -5.25 3.45
CA LEU A 115 6.74 -6.30 2.47
C LEU A 115 8.03 -6.20 1.65
N TYR A 116 8.38 -4.99 1.29
CA TYR A 116 9.62 -4.74 0.57
C TYR A 116 10.77 -5.36 1.29
N ASP A 117 10.91 -5.04 2.58
CA ASP A 117 12.04 -5.52 3.39
C ASP A 117 12.01 -7.03 3.51
N TYR A 118 10.85 -7.55 3.89
CA TYR A 118 10.61 -8.94 4.15
C TYR A 118 10.82 -9.86 2.98
N LEU A 119 10.20 -9.53 1.84
CA LEU A 119 10.42 -10.29 0.62
C LEU A 119 11.89 -10.42 0.29
N GLN A 120 12.73 -9.45 0.67
CA GLN A 120 14.15 -9.56 0.35
C GLN A 120 14.95 -10.50 1.23
N LEU A 121 14.43 -10.85 2.41
CA LEU A 121 15.11 -11.75 3.35
C LEU A 121 14.69 -13.19 3.22
N THR A 122 13.57 -13.45 2.56
CA THR A 122 13.02 -14.80 2.55
C THR A 122 12.11 -15.10 1.37
N THR A 123 11.88 -16.39 1.20
CA THR A 123 11.00 -16.94 0.20
C THR A 123 9.75 -17.43 0.91
N LEU A 124 8.69 -17.60 0.11
CA LEU A 124 7.38 -17.99 0.60
C LEU A 124 7.02 -19.38 0.08
N ASP A 125 6.06 -20.01 0.76
CA ASP A 125 5.42 -21.24 0.31
C ASP A 125 4.00 -20.87 -0.10
N THR A 126 3.25 -21.88 -0.55
CA THR A 126 1.87 -21.70 -0.98
C THR A 126 1.07 -20.93 0.07
N VAL A 127 1.08 -21.46 1.28
CA VAL A 127 0.25 -20.98 2.38
C VAL A 127 0.60 -19.53 2.78
N SER A 128 1.90 -19.23 2.88
CA SER A 128 2.40 -17.92 3.32
C SER A 128 2.24 -16.87 2.22
N CYS A 129 2.38 -17.30 0.98
CA CYS A 129 2.05 -16.46 -0.14
C CYS A 129 0.57 -16.06 -0.15
N LEU A 130 -0.33 -17.05 -0.08
CA LEU A 130 -1.77 -16.80 -0.07
C LEU A 130 -2.23 -15.93 1.12
N ARG A 131 -1.69 -16.19 2.31
CA ARG A 131 -1.97 -15.41 3.51
C ARG A 131 -1.58 -13.92 3.37
N ILE A 132 -0.34 -13.68 2.92
CA ILE A 132 0.09 -12.33 2.57
C ILE A 132 -0.88 -11.62 1.62
N VAL A 133 -1.09 -12.18 0.43
CA VAL A 133 -1.87 -11.48 -0.60
C VAL A 133 -3.36 -11.38 -0.28
N LEU A 134 -3.95 -12.42 0.31
CA LEU A 134 -5.34 -12.35 0.74
C LEU A 134 -5.52 -11.21 1.77
N SER A 135 -4.63 -11.13 2.76
CA SER A 135 -4.78 -10.20 3.87
C SER A 135 -4.75 -8.74 3.39
N ILE A 136 -3.87 -8.46 2.43
CA ILE A 136 -3.78 -7.19 1.77
C ILE A 136 -5.06 -6.88 1.01
N ALA A 137 -5.58 -7.88 0.31
CA ALA A 137 -6.88 -7.80 -0.38
C ALA A 137 -7.98 -7.41 0.55
N SER A 138 -7.96 -8.01 1.74
CA SER A 138 -8.99 -7.75 2.71
CA SER A 138 -8.98 -7.76 2.75
C SER A 138 -8.83 -6.33 3.25
N GLY A 139 -7.58 -5.93 3.50
CA GLY A 139 -7.24 -4.56 3.87
C GLY A 139 -7.70 -3.53 2.86
N LEU A 140 -7.43 -3.79 1.57
CA LEU A 140 -7.89 -2.89 0.49
C LEU A 140 -9.39 -2.85 0.41
N ALA A 141 -10.00 -4.02 0.46
CA ALA A 141 -11.44 -4.12 0.36
C ALA A 141 -12.14 -3.34 1.46
N HIS A 142 -11.72 -3.51 2.70
CA HIS A 142 -12.26 -2.74 3.80
C HIS A 142 -12.20 -1.21 3.61
N LEU A 143 -11.02 -0.67 3.26
CA LEU A 143 -10.87 0.74 2.87
C LEU A 143 -11.84 1.19 1.79
N HIS A 144 -11.97 0.37 0.74
CA HIS A 144 -12.72 0.75 -0.47
C HIS A 144 -14.22 0.78 -0.23
N ILE A 145 -14.70 -0.09 0.66
CA ILE A 145 -16.14 -0.18 0.95
C ILE A 145 -16.55 0.93 1.89
N GLU A 146 -17.81 1.34 1.73
CA GLU A 146 -18.45 2.24 2.64
C GLU A 146 -19.32 1.37 3.51
N ILE A 147 -19.21 1.55 4.82
CA ILE A 147 -20.11 0.92 5.79
C ILE A 147 -21.03 2.03 6.31
N PHE A 148 -22.31 1.72 6.36
CA PHE A 148 -23.30 2.69 6.71
C PHE A 148 -23.44 2.64 8.23
N GLY A 149 -23.92 3.73 8.80
CA GLY A 149 -24.24 3.76 10.22
C GLY A 149 -23.05 4.05 11.13
N THR A 150 -23.36 4.20 12.41
CA THR A 150 -22.39 4.74 13.36
C THR A 150 -21.18 3.82 13.60
N GLN A 151 -21.33 2.50 13.38
CA GLN A 151 -20.17 1.58 13.32
C GLN A 151 -19.55 1.48 11.89
N GLY A 152 -19.85 2.48 11.06
CA GLY A 152 -19.51 2.44 9.65
C GLY A 152 -18.33 3.33 9.30
N LYS A 153 -18.24 3.67 8.03
CA LYS A 153 -17.15 4.47 7.50
C LYS A 153 -17.49 4.90 6.06
N PRO A 154 -16.80 5.96 5.57
CA PRO A 154 -16.83 6.27 4.17
C PRO A 154 -15.93 5.32 3.39
N ALA A 155 -16.17 5.22 2.08
CA ALA A 155 -15.27 4.58 1.18
C ALA A 155 -13.95 5.36 1.15
N ILE A 156 -12.84 4.64 1.11
CA ILE A 156 -11.53 5.26 1.09
C ILE A 156 -10.63 4.64 0.03
N ALA A 157 -9.93 5.50 -0.71
CA ALA A 157 -8.94 5.05 -1.67
C ALA A 157 -7.60 5.50 -1.20
N HIS A 158 -6.61 4.63 -1.33
CA HIS A 158 -5.30 4.85 -0.69
C HIS A 158 -4.47 5.80 -1.52
N ARG A 159 -4.39 5.49 -2.81
CA ARG A 159 -3.72 6.29 -3.84
C ARG A 159 -2.21 6.24 -3.85
N ASP A 160 -1.64 5.30 -3.11
CA ASP A 160 -0.19 5.16 -3.06
C ASP A 160 0.18 3.84 -2.41
N LEU A 161 -0.57 2.79 -2.74
CA LEU A 161 -0.26 1.47 -2.26
C LEU A 161 1.02 0.96 -2.86
N LYS A 162 1.89 0.35 -2.04
CA LYS A 162 3.16 -0.23 -2.50
C LYS A 162 3.80 -1.11 -1.44
N SER A 163 4.83 -1.88 -1.84
CA SER A 163 5.42 -2.90 -0.98
C SER A 163 6.07 -2.31 0.30
N LYS A 164 6.64 -1.10 0.17
CA LYS A 164 7.21 -0.35 1.27
C LYS A 164 6.23 0.18 2.33
N ASN A 165 4.93 0.30 2.02
CA ASN A 165 3.97 0.80 3.03
C ASN A 165 2.93 -0.21 3.41
N ILE A 166 3.23 -1.48 3.19
CA ILE A 166 2.45 -2.60 3.70
C ILE A 166 3.39 -3.33 4.66
N LEU A 167 2.93 -3.55 5.87
CA LEU A 167 3.76 -4.23 6.87
C LEU A 167 3.37 -5.69 6.96
N VAL A 168 4.36 -6.49 7.36
CA VAL A 168 4.21 -7.92 7.55
C VAL A 168 4.23 -8.18 9.05
N LYS A 169 3.16 -8.82 9.54
CA LYS A 169 3.04 -9.30 10.91
C LYS A 169 3.65 -10.69 11.06
N LYS A 170 4.05 -11.02 12.29
CA LYS A 170 4.64 -12.33 12.54
C LYS A 170 3.70 -13.52 12.29
N ASN A 171 2.40 -13.36 12.55
CA ASN A 171 1.42 -14.39 12.18
C ASN A 171 1.23 -14.53 10.64
N GLY A 172 1.96 -13.75 9.85
CA GLY A 172 2.01 -13.94 8.41
C GLY A 172 1.05 -13.04 7.66
N GLN A 173 0.07 -12.45 8.36
CA GLN A 173 -0.78 -11.42 7.75
C GLN A 173 -0.06 -10.10 7.58
N CYS A 174 -0.57 -9.30 6.63
CA CYS A 174 -0.07 -7.95 6.36
C CYS A 174 -1.05 -6.88 6.86
N CYS A 175 -0.57 -5.65 7.02
CA CYS A 175 -1.44 -4.50 7.32
C CYS A 175 -0.99 -3.26 6.54
N ILE A 176 -1.93 -2.56 5.92
CA ILE A 176 -1.63 -1.40 5.08
C ILE A 176 -1.44 -0.12 5.96
N ALA A 177 -0.40 0.64 5.66
CA ALA A 177 -0.06 1.93 6.28
C ALA A 177 -0.20 3.08 5.30
N ASP A 178 0.15 4.27 5.79
CA ASP A 178 0.58 5.41 4.99
C ASP A 178 -0.57 6.02 4.23
N LEU A 179 -1.53 6.53 4.96
CA LEU A 179 -2.73 7.07 4.34
C LEU A 179 -2.69 8.55 4.04
N GLY A 180 -1.49 9.14 3.92
CA GLY A 180 -1.37 10.58 3.74
C GLY A 180 -2.01 11.12 2.47
N LEU A 181 -2.05 10.29 1.41
CA LEU A 181 -2.73 10.64 0.15
C LEU A 181 -4.12 10.05 -0.02
N ALA A 182 -4.71 9.46 1.01
CA ALA A 182 -6.06 8.88 0.91
C ALA A 182 -7.16 9.82 0.45
N VAL A 183 -8.22 9.24 -0.13
CA VAL A 183 -9.38 9.96 -0.62
C VAL A 183 -10.59 9.31 -0.01
N MET A 184 -11.57 10.10 0.42
CA MET A 184 -12.80 9.57 1.02
C MET A 184 -13.99 9.99 0.19
N HIS A 185 -15.05 9.19 0.29
CA HIS A 185 -16.28 9.43 -0.41
C HIS A 185 -17.41 8.74 0.31
N SER A 186 -18.57 9.39 0.33
CA SER A 186 -19.78 8.83 0.89
C SER A 186 -20.88 9.02 -0.14
N GLN A 187 -21.78 8.05 -0.17
CA GLN A 187 -22.73 7.90 -1.27
C GLN A 187 -24.01 8.72 -1.00
N SER A 188 -24.33 8.97 0.28
CA SER A 188 -25.46 9.85 0.65
C SER A 188 -25.18 11.30 0.26
N THR A 189 -23.98 11.77 0.61
CA THR A 189 -23.54 13.14 0.31
C THR A 189 -23.04 13.27 -1.12
N ASN A 190 -22.47 12.18 -1.66
CA ASN A 190 -21.76 12.21 -2.95
C ASN A 190 -20.83 13.41 -3.08
N GLN A 191 -20.00 13.59 -2.05
CA GLN A 191 -18.90 14.56 -2.06
C GLN A 191 -17.58 13.79 -2.01
N LEU A 192 -16.56 14.42 -2.56
CA LEU A 192 -15.28 13.78 -2.79
C LEU A 192 -14.22 14.64 -2.17
N ASP A 193 -13.59 14.13 -1.12
CA ASP A 193 -12.50 14.82 -0.47
C ASP A 193 -11.18 14.26 -1.01
N VAL A 194 -10.45 15.11 -1.73
CA VAL A 194 -9.07 14.84 -2.23
C VAL A 194 -7.96 15.66 -1.53
N GLY A 195 -8.33 16.51 -0.56
CA GLY A 195 -7.35 17.31 0.19
C GLY A 195 -6.72 18.44 -0.63
N ASN A 196 -5.45 18.72 -0.35
CA ASN A 196 -4.69 19.79 -1.04
C ASN A 196 -3.19 19.42 -1.10
N ASN A 197 -2.93 18.19 -1.53
CA ASN A 197 -1.61 17.56 -1.34
C ASN A 197 -0.73 17.71 -2.58
N PRO A 198 0.45 18.37 -2.46
CA PRO A 198 1.39 18.44 -3.60
C PRO A 198 1.99 17.09 -4.00
N ARG A 199 2.09 16.17 -3.03
CA ARG A 199 2.46 14.80 -3.31
C ARG A 199 1.40 14.07 -4.13
N VAL A 200 1.83 13.38 -5.18
CA VAL A 200 1.01 12.45 -5.95
C VAL A 200 1.68 11.09 -5.68
N GLY A 201 1.10 9.97 -6.10
CA GLY A 201 1.65 8.64 -5.78
C GLY A 201 3.14 8.39 -6.05
N THR A 202 3.57 7.18 -5.71
CA THR A 202 4.90 6.70 -6.07
C THR A 202 4.71 6.32 -7.53
N LYS A 203 5.67 6.75 -8.35
CA LYS A 203 5.57 6.76 -9.80
C LYS A 203 5.67 5.36 -10.36
N ARG A 204 6.63 4.57 -9.87
CA ARG A 204 6.78 3.16 -10.26
C ARG A 204 5.43 2.41 -10.17
N TYR A 205 4.59 2.77 -9.19
CA TYR A 205 3.29 2.13 -9.02
C TYR A 205 2.10 2.86 -9.67
N MET A 206 2.34 3.84 -10.53
CA MET A 206 1.28 4.80 -10.93
C MET A 206 0.45 4.19 -12.09
N ALA A 207 -0.87 4.21 -11.98
CA ALA A 207 -1.73 3.64 -13.01
C ALA A 207 -1.60 4.34 -14.39
N PRO A 208 -1.87 3.63 -15.50
CA PRO A 208 -1.83 4.30 -16.81
C PRO A 208 -2.58 5.65 -16.85
N GLU A 209 -3.82 5.66 -16.36
CA GLU A 209 -4.70 6.83 -16.43
C GLU A 209 -4.17 8.03 -15.64
N VAL A 210 -3.45 7.76 -14.55
CA VAL A 210 -2.76 8.76 -13.79
C VAL A 210 -1.61 9.30 -14.66
N LEU A 211 -0.84 8.40 -15.26
CA LEU A 211 0.34 8.79 -16.07
C LEU A 211 0.06 9.59 -17.36
N ASP A 212 -1.01 9.24 -18.08
CA ASP A 212 -1.35 9.97 -19.32
C ASP A 212 -2.41 11.04 -19.04
N GLU A 213 -2.72 11.23 -17.75
CA GLU A 213 -3.61 12.26 -17.23
C GLU A 213 -5.04 12.13 -17.76
N THR A 214 -5.50 10.90 -18.00
CA THR A 214 -6.87 10.66 -18.42
C THR A 214 -7.81 10.29 -17.31
N ILE A 215 -7.27 10.10 -16.08
CA ILE A 215 -8.06 9.75 -14.93
C ILE A 215 -9.24 10.73 -14.73
N GLN A 216 -10.40 10.15 -14.44
CA GLN A 216 -11.60 10.91 -14.16
C GLN A 216 -11.54 11.33 -12.72
N VAL A 217 -11.02 12.53 -12.47
CA VAL A 217 -10.78 13.04 -11.11
C VAL A 217 -12.05 13.27 -10.29
N ASP A 218 -13.15 13.57 -10.98
CA ASP A 218 -14.45 13.78 -10.35
C ASP A 218 -15.10 12.48 -9.85
N CYS A 219 -14.56 11.30 -10.23
CA CYS A 219 -15.21 10.02 -9.97
CA CYS A 219 -15.20 10.02 -9.94
C CYS A 219 -14.41 9.19 -8.94
N PHE A 220 -15.05 8.83 -7.85
CA PHE A 220 -14.36 8.11 -6.76
C PHE A 220 -13.83 6.74 -7.23
N ASP A 221 -14.63 6.01 -8.01
CA ASP A 221 -14.20 4.75 -8.60
C ASP A 221 -12.86 4.86 -9.31
N SER A 222 -12.52 6.03 -9.86
CA SER A 222 -11.18 6.21 -10.46
C SER A 222 -10.03 5.95 -9.49
N TYR A 223 -10.23 6.37 -8.25
CA TYR A 223 -9.16 6.30 -7.26
C TYR A 223 -9.03 4.86 -6.77
N LYS A 224 -10.15 4.13 -6.68
CA LYS A 224 -10.12 2.73 -6.30
C LYS A 224 -9.40 1.93 -7.34
N ARG A 225 -9.77 2.18 -8.58
CA ARG A 225 -9.18 1.54 -9.68
C ARG A 225 -7.68 1.77 -9.73
N VAL A 226 -7.16 2.95 -9.32
CA VAL A 226 -5.67 3.12 -9.28
C VAL A 226 -5.04 2.21 -8.23
N ASP A 227 -5.76 2.01 -7.11
CA ASP A 227 -5.29 1.11 -6.04
C ASP A 227 -5.10 -0.31 -6.60
N ILE A 228 -6.09 -0.78 -7.36
CA ILE A 228 -6.06 -2.14 -7.95
C ILE A 228 -4.83 -2.35 -8.85
N TRP A 229 -4.55 -1.38 -9.70
CA TRP A 229 -3.33 -1.44 -10.51
C TRP A 229 -2.16 -1.71 -9.62
N ALA A 230 -2.01 -0.84 -8.62
CA ALA A 230 -0.92 -0.88 -7.66
C ALA A 230 -0.85 -2.20 -6.91
N PHE A 231 -2.01 -2.70 -6.47
CA PHE A 231 -2.17 -3.97 -5.86
C PHE A 231 -1.66 -5.15 -6.75
N GLY A 232 -2.03 -5.13 -8.02
CA GLY A 232 -1.60 -6.12 -8.95
C GLY A 232 -0.10 -6.12 -9.10
N LEU A 233 0.53 -4.96 -9.05
CA LEU A 233 1.97 -4.87 -9.10
C LEU A 233 2.55 -5.49 -7.82
N VAL A 234 1.92 -5.24 -6.68
CA VAL A 234 2.37 -5.87 -5.43
C VAL A 234 2.21 -7.39 -5.50
N LEU A 235 1.06 -7.86 -5.98
CA LEU A 235 0.80 -9.29 -6.16
C LEU A 235 2.01 -9.98 -6.81
N TRP A 236 2.52 -9.35 -7.87
CA TRP A 236 3.66 -9.81 -8.67
C TRP A 236 4.98 -9.88 -7.88
N GLU A 237 5.25 -8.85 -7.09
CA GLU A 237 6.46 -8.79 -6.27
C GLU A 237 6.53 -9.96 -5.35
N VAL A 238 5.38 -10.25 -4.74
CA VAL A 238 5.16 -11.34 -3.81
C VAL A 238 5.25 -12.72 -4.47
N ALA A 239 4.48 -12.91 -5.54
CA ALA A 239 4.49 -14.16 -6.27
C ALA A 239 5.91 -14.60 -6.66
N ARG A 240 6.76 -13.68 -7.11
CA ARG A 240 8.11 -14.01 -7.53
C ARG A 240 8.94 -14.74 -6.46
N ARG A 241 8.59 -14.48 -5.20
CA ARG A 241 9.27 -15.03 -4.03
C ARG A 241 8.64 -16.32 -3.49
N MET A 242 7.53 -16.77 -4.09
CA MET A 242 6.93 -18.05 -3.72
C MET A 242 7.69 -19.18 -4.45
N VAL A 243 8.18 -20.14 -3.69
CA VAL A 243 8.92 -21.28 -4.27
C VAL A 243 7.98 -22.29 -4.93
N SER A 244 8.30 -22.66 -6.15
CA SER A 244 7.68 -23.87 -6.76
C SER A 244 8.78 -24.73 -7.31
N ASN A 245 8.68 -26.03 -7.05
CA ASN A 245 9.70 -26.99 -7.51
C ASN A 245 11.12 -26.46 -7.24
N GLY A 246 11.34 -25.92 -6.04
CA GLY A 246 12.64 -25.37 -5.69
C GLY A 246 13.25 -24.32 -6.61
N ILE A 247 12.44 -23.59 -7.37
CA ILE A 247 12.91 -22.30 -7.86
C ILE A 247 12.00 -21.15 -7.50
N VAL A 248 12.63 -19.98 -7.56
CA VAL A 248 12.11 -18.75 -7.05
C VAL A 248 12.85 -17.64 -7.81
N GLU A 249 12.21 -16.47 -7.96
CA GLU A 249 12.91 -15.34 -8.55
C GLU A 249 13.48 -14.46 -7.45
N ASP A 250 14.56 -13.76 -7.81
CA ASP A 250 15.16 -12.76 -6.97
C ASP A 250 14.17 -11.64 -6.73
N TYR A 251 14.24 -10.99 -5.56
CA TYR A 251 13.32 -9.89 -5.30
C TYR A 251 13.54 -8.84 -6.38
N LYS A 252 12.45 -8.38 -7.00
CA LYS A 252 12.53 -7.20 -7.89
C LYS A 252 11.36 -6.24 -7.76
N PRO A 253 11.66 -4.93 -7.84
CA PRO A 253 10.60 -3.93 -7.93
C PRO A 253 9.92 -4.03 -9.31
N PRO A 254 8.58 -3.77 -9.40
CA PRO A 254 7.95 -3.82 -10.74
C PRO A 254 8.65 -2.87 -11.70
N PHE A 255 8.84 -3.35 -12.93
CA PHE A 255 9.40 -2.56 -14.05
C PHE A 255 10.91 -2.32 -13.94
N TYR A 256 11.59 -3.11 -13.08
CA TYR A 256 13.06 -3.02 -12.87
C TYR A 256 13.89 -3.07 -14.14
N ASP A 257 13.45 -3.87 -15.10
CA ASP A 257 14.21 -4.12 -16.33
C ASP A 257 14.09 -3.02 -17.38
N VAL A 258 13.09 -2.17 -17.23
CA VAL A 258 12.77 -1.12 -18.21
C VAL A 258 12.72 0.29 -17.63
N VAL A 259 12.91 0.45 -16.32
CA VAL A 259 13.09 1.79 -15.75
C VAL A 259 14.24 1.81 -14.75
N PRO A 260 14.97 2.95 -14.69
CA PRO A 260 16.02 3.08 -13.65
C PRO A 260 15.40 3.23 -12.28
N ASN A 261 16.25 3.20 -11.26
CA ASN A 261 15.84 3.55 -9.92
C ASN A 261 15.29 5.00 -9.88
N ASP A 262 14.23 5.22 -9.09
CA ASP A 262 13.58 6.54 -8.96
C ASP A 262 13.10 7.02 -10.34
N PRO A 263 12.15 6.27 -10.95
CA PRO A 263 11.72 6.62 -12.32
C PRO A 263 10.91 7.93 -12.38
N SER A 264 11.16 8.71 -13.44
CA SER A 264 10.38 9.90 -13.69
C SER A 264 8.91 9.58 -14.05
N PHE A 265 8.06 10.60 -13.95
CA PHE A 265 6.65 10.49 -14.30
C PHE A 265 6.57 10.24 -15.82
N GLU A 266 7.52 10.80 -16.54
CA GLU A 266 7.61 10.72 -17.99
C GLU A 266 8.18 9.36 -18.39
N ASP A 267 9.19 8.87 -17.65
CA ASP A 267 9.76 7.52 -17.83
C ASP A 267 8.72 6.40 -17.83
N MET A 268 7.79 6.54 -16.90
CA MET A 268 6.76 5.55 -16.62
C MET A 268 5.66 5.59 -17.67
N ARG A 269 5.17 6.78 -18.01
CA ARG A 269 4.20 6.93 -19.10
C ARG A 269 4.62 6.17 -20.34
N LYS A 270 5.89 6.33 -20.73
CA LYS A 270 6.46 5.68 -21.90
C LYS A 270 6.37 4.14 -21.82
N VAL A 271 6.76 3.57 -20.68
CA VAL A 271 6.73 2.13 -20.47
C VAL A 271 5.28 1.60 -20.27
N VAL A 272 4.47 2.29 -19.50
CA VAL A 272 3.14 1.81 -19.12
C VAL A 272 2.12 2.14 -20.22
N CYS A 273 2.12 3.38 -20.71
CA CYS A 273 1.07 3.89 -21.64
C CYS A 273 1.45 3.70 -23.13
N VAL A 274 2.63 4.18 -23.51
CA VAL A 274 3.08 4.20 -24.89
C VAL A 274 3.44 2.77 -25.34
N ASP A 275 4.25 2.08 -24.53
CA ASP A 275 4.67 0.71 -24.85
C ASP A 275 3.69 -0.35 -24.38
N GLN A 276 2.76 0.01 -23.51
CA GLN A 276 1.83 -0.96 -22.90
C GLN A 276 2.48 -2.20 -22.29
N GLN A 277 3.66 -1.99 -21.68
CA GLN A 277 4.41 -3.06 -21.03
C GLN A 277 3.74 -3.35 -19.68
N ARG A 278 3.76 -4.63 -19.31
CA ARG A 278 3.27 -5.15 -18.02
C ARG A 278 4.27 -6.13 -17.42
N PRO A 279 4.30 -6.24 -16.05
CA PRO A 279 5.31 -7.16 -15.49
C PRO A 279 5.31 -8.57 -16.11
N ASN A 280 6.48 -9.04 -16.51
CA ASN A 280 6.64 -10.39 -17.06
C ASN A 280 6.28 -11.49 -16.08
N ILE A 281 5.43 -12.41 -16.51
CA ILE A 281 5.20 -13.64 -15.76
C ILE A 281 6.30 -14.68 -16.15
N PRO A 282 7.14 -15.13 -15.18
CA PRO A 282 8.05 -16.25 -15.47
C PRO A 282 7.29 -17.52 -15.81
N ASN A 283 7.78 -18.28 -16.78
CA ASN A 283 7.10 -19.53 -17.14
C ASN A 283 7.00 -20.59 -16.04
N ARG A 284 7.96 -20.60 -15.10
CA ARG A 284 7.98 -21.62 -14.04
C ARG A 284 6.72 -21.61 -13.21
N TRP A 285 6.08 -20.44 -13.13
CA TRP A 285 4.81 -20.28 -12.45
C TRP A 285 3.71 -21.14 -13.01
N PHE A 286 3.75 -21.44 -14.33
CA PHE A 286 2.71 -22.25 -14.94
C PHE A 286 2.82 -23.75 -14.67
N SER A 287 3.89 -24.19 -13.99
CA SER A 287 3.94 -25.57 -13.43
C SER A 287 3.12 -25.67 -12.15
N ASP A 288 2.88 -24.52 -11.50
CA ASP A 288 2.26 -24.45 -10.17
C ASP A 288 0.86 -23.85 -10.26
N PRO A 289 -0.17 -24.53 -9.69
CA PRO A 289 -1.57 -24.10 -9.85
C PRO A 289 -1.95 -22.85 -9.08
N THR A 290 -1.24 -22.57 -7.98
CA THR A 290 -1.38 -21.32 -7.27
C THR A 290 -0.84 -20.13 -8.08
N LEU A 291 0.46 -20.18 -8.42
CA LEU A 291 1.07 -19.09 -9.19
C LEU A 291 0.41 -18.89 -10.57
N THR A 292 -0.16 -19.95 -11.14
CA THR A 292 -0.94 -19.83 -12.37
C THR A 292 -2.21 -18.98 -12.14
N SER A 293 -2.93 -19.31 -11.06
CA SER A 293 -4.12 -18.57 -10.66
C SER A 293 -3.85 -17.11 -10.24
N LEU A 294 -2.71 -16.85 -9.61
CA LEU A 294 -2.31 -15.47 -9.28
C LEU A 294 -1.83 -14.69 -10.50
N ALA A 295 -1.23 -15.36 -11.46
CA ALA A 295 -0.82 -14.70 -12.70
C ALA A 295 -2.05 -14.16 -13.46
N LYS A 296 -3.08 -14.99 -13.61
CA LYS A 296 -4.37 -14.55 -14.16
C LYS A 296 -4.91 -13.34 -13.45
N LEU A 297 -4.87 -13.43 -12.12
CA LEU A 297 -5.40 -12.40 -11.20
C LEU A 297 -4.72 -11.04 -11.36
N MET A 298 -3.39 -11.05 -11.34
CA MET A 298 -2.63 -9.81 -11.47
C MET A 298 -2.76 -9.17 -12.83
N LYS A 299 -2.97 -10.00 -13.85
CA LYS A 299 -3.28 -9.51 -15.20
C LYS A 299 -4.65 -8.81 -15.33
N GLU A 300 -5.64 -9.27 -14.57
CA GLU A 300 -6.92 -8.63 -14.55
C GLU A 300 -6.93 -7.39 -13.61
N CYS A 301 -5.81 -7.09 -12.96
CA CYS A 301 -5.55 -5.80 -12.32
C CYS A 301 -4.88 -4.78 -13.25
N TRP A 302 -4.44 -5.20 -14.45
CA TRP A 302 -3.60 -4.34 -15.29
C TRP A 302 -4.25 -3.92 -16.62
N TYR A 303 -5.56 -4.06 -16.71
CA TYR A 303 -6.28 -3.49 -17.84
C TYR A 303 -5.96 -1.99 -17.97
N GLN A 304 -5.49 -1.62 -19.16
CA GLN A 304 -5.31 -0.21 -19.56
C GLN A 304 -6.63 0.52 -19.31
N ASN A 305 -7.72 -0.16 -19.60
CA ASN A 305 -9.04 0.36 -19.30
C ASN A 305 -9.32 0.13 -17.82
N PRO A 306 -9.41 1.21 -17.04
CA PRO A 306 -9.70 1.07 -15.61
C PRO A 306 -10.98 0.29 -15.31
N SER A 307 -12.01 0.45 -16.14
CA SER A 307 -13.29 -0.16 -15.78
C SER A 307 -13.28 -1.70 -15.90
N ALA A 308 -12.30 -2.23 -16.64
CA ALA A 308 -12.16 -3.68 -16.80
C ALA A 308 -11.45 -4.33 -15.60
N ARG A 309 -10.81 -3.55 -14.75
CA ARG A 309 -10.12 -4.13 -13.57
C ARG A 309 -11.07 -4.72 -12.54
N LEU A 310 -10.62 -5.78 -11.91
CA LEU A 310 -11.40 -6.41 -10.83
C LEU A 310 -11.49 -5.44 -9.66
N THR A 311 -12.55 -5.56 -8.87
CA THR A 311 -12.72 -4.86 -7.60
C THR A 311 -12.01 -5.61 -6.47
N ALA A 312 -11.66 -4.86 -5.41
CA ALA A 312 -10.99 -5.43 -4.25
C ALA A 312 -11.72 -6.62 -3.69
N LEU A 313 -13.02 -6.44 -3.45
CA LEU A 313 -13.91 -7.53 -2.98
C LEU A 313 -13.88 -8.78 -3.87
N ARG A 314 -13.89 -8.61 -5.19
CA ARG A 314 -13.88 -9.76 -6.09
C ARG A 314 -12.56 -10.51 -5.96
N ILE A 315 -11.48 -9.76 -6.02
CA ILE A 315 -10.12 -10.25 -5.78
C ILE A 315 -9.98 -10.96 -4.46
N LYS A 316 -10.56 -10.39 -3.41
CA LYS A 316 -10.66 -11.06 -2.12
C LYS A 316 -11.40 -12.40 -2.24
N LYS A 317 -12.58 -12.40 -2.85
CA LYS A 317 -13.35 -13.64 -3.01
C LYS A 317 -12.54 -14.72 -3.76
N THR A 318 -11.81 -14.29 -4.78
CA THR A 318 -10.99 -15.18 -5.61
C THR A 318 -9.82 -15.78 -4.83
N LEU A 319 -9.08 -14.93 -4.11
CA LEU A 319 -7.94 -15.37 -3.32
C LEU A 319 -8.39 -16.39 -2.30
N THR A 320 -9.56 -16.15 -1.71
CA THR A 320 -10.18 -17.07 -0.76
C THR A 320 -10.47 -18.47 -1.33
N LYS A 321 -10.72 -18.55 -2.65
CA LYS A 321 -10.99 -19.84 -3.32
C LYS A 321 -9.78 -20.52 -3.98
N ILE A 322 -8.67 -19.80 -4.17
CA ILE A 322 -7.43 -20.39 -4.70
C ILE A 322 -6.82 -21.35 -3.65
N ASP A 323 -6.12 -22.37 -4.16
CA ASP A 323 -5.32 -23.29 -3.36
C ASP A 323 -3.89 -23.33 -3.91
S SO4 B . 3.65 -8.46 15.21
O1 SO4 B . 3.39 -9.89 14.96
O2 SO4 B . 4.62 -7.98 14.20
O3 SO4 B . 4.27 -8.28 16.54
O4 SO4 B . 2.37 -7.75 15.17
S SO4 C . -1.88 -3.64 13.69
O1 SO4 C . -2.65 -3.96 12.46
O2 SO4 C . -1.37 -4.87 14.33
O3 SO4 C . -0.75 -2.74 13.37
O4 SO4 C . -2.81 -2.98 14.64
S SO4 D . -10.63 -7.04 12.16
O1 SO4 D . -11.42 -8.24 12.51
O2 SO4 D . -10.00 -7.23 10.83
O3 SO4 D . -9.58 -6.82 13.18
O4 SO4 D . -11.52 -5.86 12.11
S SO4 E . 13.83 17.63 6.49
O1 SO4 E . 12.85 17.00 5.59
O2 SO4 E . 15.21 17.46 6.00
O3 SO4 E . 13.53 19.08 6.60
O4 SO4 E . 13.68 17.01 7.83
S SO4 F . 11.95 3.82 -6.67
O1 SO4 F . 12.85 3.36 -7.75
O2 SO4 F . 10.67 3.06 -6.67
O3 SO4 F . 12.63 3.62 -5.36
O4 SO4 F . 11.67 5.25 -6.85
S SO4 G . 11.90 7.06 -0.83
O1 SO4 G . 11.84 6.77 -2.29
O2 SO4 G . 11.92 5.80 -0.04
O3 SO4 G . 13.14 7.81 -0.54
O4 SO4 G . 10.69 7.84 -0.49
O XQX H . 5.08 5.18 5.63
C21 XQX H . 5.58 4.08 5.47
C22 XQX H . 6.40 3.86 4.20
C24 XQX H . 6.83 4.95 3.31
C23 XQX H . 7.85 4.15 4.25
N4 XQX H . 5.46 3.13 6.45
C17 XQX H . 4.87 3.40 7.78
C19 XQX H . 6.03 1.77 6.45
C20 XQX H . 7.21 1.79 7.44
N5 XQX H . 6.66 2.11 8.77
C18 XQX H . 6.06 3.48 8.77
C12 XQX H . 6.53 1.17 9.81
C10 XQX H . 5.32 1.14 10.47
C13 XQX H . 7.48 0.19 10.18
C14 XQX H . 8.75 -0.05 9.71
C15 XQX H . 9.22 -1.12 10.45
C16 XQX H . 8.23 -1.49 11.35
N3 XQX H . 7.20 -0.68 11.15
N2 XQX H . 6.10 -0.69 11.77
C11 XQX H . 5.12 0.22 11.47
C4 XQX H . 10.55 -1.78 10.27
C6 XQX H . 11.33 -1.53 9.13
C8 XQX H . 12.54 -2.17 8.93
C9 XQX H . 13.02 -3.11 9.83
C7 XQX H . 12.25 -3.39 10.96
C5 XQX H . 11.02 -2.76 11.17
N XQX H . 14.29 -3.74 9.64
C1 XQX H . 15.49 -3.00 9.15
C3 XQX H . 16.17 -3.80 8.03
N1 XQX H . 16.71 -5.04 8.62
C2 XQX H . 15.63 -5.90 9.12
C XQX H . 14.58 -5.16 10.01
#